data_1VL7
#
_entry.id   1VL7
#
_cell.length_a   65.001
_cell.length_b   100.326
_cell.length_c   47.667
_cell.angle_alpha   90.00
_cell.angle_beta   90.00
_cell.angle_gamma   90.00
#
_symmetry.space_group_name_H-M   'P 21 21 2'
#
loop_
_entity.id
_entity.type
_entity.pdbx_description
1 polymer 'hypothetical protein alr5027'
2 non-polymer 1,2-ETHANEDIOL
3 water water
#
_entity_poly.entity_id   1
_entity_poly.type   'polypeptide(L)'
_entity_poly.pdbx_seq_one_letter_code
;MGSDKIHHHHHHMSQLEKAQAEYAGFIQEFQSAIISTISEQGIPNGSYAPFVIDDAKNIYIYVSGLAVHTKNIEANPLVN
VLFVDDEAKTNQIFARRRLSFDCTATLIERESQKWNQVVDQFQERFGQIIEVLRGLADFRIFQLTPKEGRFVIGFGA
;
_entity_poly.pdbx_strand_id   A,B
#
# COMPACT_ATOMS: atom_id res chain seq x y z
N TYR A 23 5.47 7.19 -17.86
CA TYR A 23 5.39 6.68 -16.47
C TYR A 23 6.74 6.61 -15.78
N ALA A 24 7.84 6.58 -16.52
CA ALA A 24 9.14 6.74 -15.88
C ALA A 24 9.26 8.18 -15.36
N GLY A 25 8.63 9.11 -16.10
CA GLY A 25 8.41 10.47 -15.60
C GLY A 25 7.62 10.46 -14.29
N PHE A 26 6.60 9.60 -14.23
CA PHE A 26 5.79 9.47 -13.04
C PHE A 26 6.61 8.94 -11.87
N ILE A 27 7.37 7.88 -12.10
CA ILE A 27 8.17 7.28 -11.01
C ILE A 27 9.11 8.33 -10.40
N GLN A 28 9.63 9.22 -11.25
CA GLN A 28 10.60 10.21 -10.79
C GLN A 28 10.00 11.18 -9.77
N GLU A 29 8.67 11.24 -9.69
CA GLU A 29 7.99 12.11 -8.72
C GLU A 29 8.05 11.58 -7.29
N PHE A 30 8.51 10.36 -7.14
CA PHE A 30 8.42 9.67 -5.83
C PHE A 30 9.77 9.44 -5.19
N GLN A 31 9.79 9.50 -3.85
CA GLN A 31 11.00 9.12 -3.10
C GLN A 31 10.93 7.68 -2.61
N SER A 32 9.70 7.14 -2.56
CA SER A 32 9.46 5.82 -2.03
C SER A 32 8.40 5.08 -2.81
N ALA A 33 8.37 3.77 -2.63
CA ALA A 33 7.35 2.93 -3.21
C ALA A 33 6.57 2.25 -2.10
N ILE A 34 5.31 1.96 -2.40
CA ILE A 34 4.47 1.10 -1.55
C ILE A 34 4.80 -0.31 -1.97
N ILE A 35 5.11 -1.18 -1.02
CA ILE A 35 5.47 -2.56 -1.30
C ILE A 35 4.49 -3.46 -0.54
N SER A 36 3.94 -4.42 -1.30
CA SER A 36 2.97 -5.38 -0.77
C SER A 36 3.61 -6.75 -0.87
N THR A 37 3.65 -7.45 0.27
CA THR A 37 4.39 -8.69 0.39
C THR A 37 3.50 -9.71 1.12
N ILE A 38 4.03 -10.92 1.25
CA ILE A 38 3.28 -12.04 1.86
C ILE A 38 4.16 -12.79 2.83
N SER A 39 3.65 -13.05 4.04
CA SER A 39 4.44 -13.72 5.07
C SER A 39 4.50 -15.22 4.86
N GLU A 40 5.34 -15.86 5.65
CA GLU A 40 5.45 -17.32 5.57
C GLU A 40 4.12 -17.99 5.88
N GLN A 41 3.29 -17.32 6.68
CA GLN A 41 1.95 -17.80 7.05
C GLN A 41 0.82 -17.28 6.18
N GLY A 42 1.16 -16.66 5.05
CA GLY A 42 0.16 -16.20 4.08
C GLY A 42 -0.55 -14.91 4.40
N ILE A 43 0.01 -14.08 5.29
CA ILE A 43 -0.64 -12.83 5.72
C ILE A 43 -0.04 -11.69 4.87
N PRO A 44 -0.87 -10.96 4.16
CA PRO A 44 -0.36 -9.87 3.31
C PRO A 44 0.10 -8.76 4.19
N ASN A 45 1.03 -7.95 3.69
CA ASN A 45 1.51 -6.75 4.35
C ASN A 45 1.65 -5.65 3.31
N GLY A 46 1.28 -4.43 3.70
CA GLY A 46 1.61 -3.21 2.98
C GLY A 46 2.50 -2.32 3.80
N SER A 47 3.54 -1.81 3.16
CA SER A 47 4.46 -0.90 3.79
C SER A 47 5.06 -0.04 2.69
N TYR A 48 6.18 0.63 2.96
CA TYR A 48 6.81 1.48 1.96
C TYR A 48 8.29 1.35 2.16
N ALA A 49 9.01 1.69 1.09
CA ALA A 49 10.47 1.72 1.17
C ALA A 49 11.02 2.78 0.21
N PRO A 50 12.01 3.54 0.68
CA PRO A 50 12.72 4.40 -0.25
C PRO A 50 13.32 3.57 -1.35
N PHE A 51 13.44 4.14 -2.56
CA PHE A 51 13.93 3.41 -3.73
C PHE A 51 14.86 4.27 -4.57
N VAL A 52 15.63 3.61 -5.40
CA VAL A 52 16.34 4.23 -6.50
C VAL A 52 16.14 3.34 -7.71
N ILE A 53 16.35 3.97 -8.85
CA ILE A 53 16.38 3.32 -10.14
C ILE A 53 17.76 3.62 -10.82
N ASP A 54 18.48 2.61 -11.26
CA ASP A 54 19.81 2.87 -11.90
C ASP A 54 19.71 3.24 -13.40
N ASP A 55 20.88 3.46 -14.04
CA ASP A 55 20.94 3.84 -15.47
C ASP A 55 20.28 2.84 -16.41
N ALA A 56 20.27 1.56 -16.01
CA ALA A 56 19.66 0.49 -16.78
C ALA A 56 18.21 0.29 -16.38
N LYS A 57 17.70 1.24 -15.59
CA LYS A 57 16.31 1.32 -15.17
C LYS A 57 15.79 0.19 -14.27
N ASN A 58 16.74 -0.43 -13.55
N ASN A 58 16.65 -0.59 -13.60
CA ASN A 58 16.43 -1.36 -12.45
CA ASN A 58 16.05 -1.48 -12.59
C ASN A 58 15.96 -0.59 -11.21
C ASN A 58 16.00 -0.76 -11.23
N ILE A 59 15.01 -1.19 -10.49
CA ILE A 59 14.51 -0.62 -9.18
C ILE A 59 15.11 -1.36 -8.00
N TYR A 60 15.54 -0.59 -6.97
CA TYR A 60 16.10 -1.12 -5.74
C TYR A 60 15.46 -0.48 -4.50
N ILE A 61 15.21 -1.27 -3.48
CA ILE A 61 14.76 -0.78 -2.18
C ILE A 61 15.83 -1.07 -1.10
N TYR A 62 15.84 -0.24 -0.07
CA TYR A 62 16.81 -0.34 1.02
C TYR A 62 16.01 -0.48 2.30
N VAL A 63 16.03 -1.65 2.97
CA VAL A 63 15.12 -1.95 4.01
C VAL A 63 15.74 -2.61 5.22
N SER A 64 15.11 -2.42 6.37
CA SER A 64 15.60 -2.90 7.64
C SER A 64 15.44 -4.39 7.78
N GLY A 65 16.42 -5.01 8.40
CA GLY A 65 16.28 -6.43 8.72
C GLY A 65 15.18 -6.72 9.73
N LEU A 66 14.71 -5.71 10.43
CA LEU A 66 13.68 -5.86 11.46
C LEU A 66 12.26 -5.77 10.87
N ALA A 67 12.13 -5.31 9.63
CA ALA A 67 10.79 -4.95 9.09
C ALA A 67 10.03 -6.23 8.71
N VAL A 68 8.72 -6.20 8.90
CA VAL A 68 7.88 -7.32 8.43
C VAL A 68 8.06 -7.48 6.94
N HIS A 69 8.08 -6.36 6.19
CA HIS A 69 8.26 -6.45 4.76
C HIS A 69 9.52 -7.23 4.37
N THR A 70 10.58 -7.02 5.12
CA THR A 70 11.83 -7.66 4.81
C THR A 70 11.77 -9.14 5.14
N LYS A 71 11.24 -9.43 6.31
CA LYS A 71 11.08 -10.86 6.66
C LYS A 71 10.20 -11.59 5.63
N ASN A 72 9.16 -10.93 5.17
CA ASN A 72 8.30 -11.50 4.16
C ASN A 72 9.08 -11.78 2.88
N ILE A 73 9.77 -10.75 2.39
CA ILE A 73 10.53 -10.92 1.16
C ILE A 73 11.55 -12.06 1.28
N GLU A 74 12.20 -12.17 2.42
CA GLU A 74 13.18 -13.24 2.65
C GLU A 74 12.50 -14.62 2.57
N ALA A 75 11.22 -14.72 2.91
CA ALA A 75 10.46 -16.01 2.89
C ALA A 75 9.79 -16.24 1.53
N ASN A 76 9.36 -15.18 0.87
CA ASN A 76 8.60 -15.25 -0.38
C ASN A 76 9.00 -14.01 -1.24
N PRO A 77 9.71 -14.19 -2.35
CA PRO A 77 10.27 -13.08 -3.08
C PRO A 77 9.30 -12.22 -3.90
N LEU A 78 8.03 -12.59 -3.93
CA LEU A 78 7.04 -11.82 -4.70
C LEU A 78 6.69 -10.53 -3.99
N VAL A 79 6.70 -9.44 -4.73
CA VAL A 79 6.43 -8.13 -4.17
C VAL A 79 5.67 -7.31 -5.20
N ASN A 80 4.58 -6.66 -4.81
CA ASN A 80 3.93 -5.72 -5.69
C ASN A 80 4.46 -4.36 -5.31
N VAL A 81 4.82 -3.55 -6.31
CA VAL A 81 5.35 -2.20 -6.11
C VAL A 81 4.31 -1.22 -6.67
N LEU A 82 3.89 -0.30 -5.83
CA LEU A 82 2.89 0.68 -6.18
C LEU A 82 3.41 2.10 -5.98
N PHE A 83 3.27 2.90 -7.02
CA PHE A 83 3.52 4.34 -6.98
C PHE A 83 2.14 5.01 -7.11
N VAL A 84 1.63 5.63 -6.06
CA VAL A 84 0.32 6.20 -6.10
C VAL A 84 0.39 7.66 -5.64
N ASP A 85 -0.23 8.53 -6.38
CA ASP A 85 -0.23 9.97 -6.06
C ASP A 85 -0.61 10.21 -4.61
N ASP A 86 0.04 11.19 -3.98
CA ASP A 86 -0.40 11.62 -2.68
C ASP A 86 -1.90 11.98 -2.73
N GLU A 87 -2.61 11.84 -1.61
CA GLU A 87 -4.00 12.23 -1.56
C GLU A 87 -4.11 13.74 -1.81
N ALA A 88 -3.14 14.50 -1.28
CA ALA A 88 -3.10 15.98 -1.51
C ALA A 88 -3.16 16.35 -2.99
N LYS A 89 -2.66 15.48 -3.88
CA LYS A 89 -2.64 15.78 -5.32
C LYS A 89 -3.91 15.35 -6.02
N THR A 90 -4.85 14.75 -5.26
CA THR A 90 -5.94 14.08 -5.83
C THR A 90 -7.29 14.70 -5.46
N ASN A 91 -7.96 15.29 -6.42
CA ASN A 91 -9.25 15.91 -6.17
C ASN A 91 -10.41 14.96 -6.14
N GLN A 92 -10.36 13.90 -6.97
CA GLN A 92 -11.42 12.90 -7.00
C GLN A 92 -10.78 11.58 -6.58
N ILE A 93 -11.16 11.13 -5.37
CA ILE A 93 -10.47 10.01 -4.73
C ILE A 93 -10.59 8.74 -5.52
N PHE A 94 -11.65 8.61 -6.31
CA PHE A 94 -11.81 7.39 -7.15
C PHE A 94 -10.95 7.44 -8.40
N ALA A 95 -10.19 8.52 -8.59
CA ALA A 95 -9.28 8.70 -9.74
C ALA A 95 -7.88 9.09 -9.27
N ARG A 96 -7.30 8.28 -8.43
CA ARG A 96 -6.02 8.52 -7.91
C ARG A 96 -4.96 7.97 -8.88
N ARG A 97 -4.12 8.82 -9.47
CA ARG A 97 -3.14 8.35 -10.45
C ARG A 97 -2.17 7.37 -9.81
N ARG A 98 -1.90 6.25 -10.49
CA ARG A 98 -1.05 5.23 -9.91
C ARG A 98 -0.46 4.27 -10.92
N LEU A 99 0.67 3.68 -10.55
CA LEU A 99 1.41 2.74 -11.39
C LEU A 99 1.78 1.58 -10.50
N SER A 100 1.56 0.35 -10.95
CA SER A 100 1.99 -0.78 -10.14
CA SER A 100 1.77 -0.85 -10.17
C SER A 100 2.56 -1.87 -10.99
N PHE A 101 3.51 -2.54 -10.38
CA PHE A 101 4.27 -3.60 -11.01
C PHE A 101 4.22 -4.85 -10.16
N ASP A 102 4.03 -5.99 -10.80
CA ASP A 102 4.30 -7.27 -10.13
C ASP A 102 5.78 -7.58 -10.28
N CYS A 103 6.47 -7.75 -9.15
CA CYS A 103 7.90 -7.92 -9.11
C CYS A 103 8.33 -9.18 -8.37
N THR A 104 9.59 -9.52 -8.62
CA THR A 104 10.35 -10.54 -7.95
CA THR A 104 10.26 -10.48 -7.76
C THR A 104 11.55 -9.87 -7.28
N ALA A 105 11.82 -10.18 -6.03
CA ALA A 105 12.93 -9.59 -5.30
C ALA A 105 14.15 -10.48 -5.28
N THR A 106 15.31 -9.83 -5.41
CA THR A 106 16.57 -10.52 -5.27
CA THR A 106 16.64 -10.48 -5.22
C THR A 106 17.47 -9.72 -4.28
N LEU A 107 18.12 -10.42 -3.36
CA LEU A 107 19.00 -9.81 -2.37
C LEU A 107 20.32 -9.55 -2.99
N ILE A 108 20.76 -8.27 -2.99
CA ILE A 108 22.09 -7.87 -3.49
C ILE A 108 23.07 -8.03 -2.32
N GLU A 109 24.12 -8.79 -2.55
CA GLU A 109 25.09 -9.13 -1.50
C GLU A 109 25.75 -7.91 -0.92
N ARG A 110 25.69 -7.81 0.42
CA ARG A 110 26.23 -6.65 1.11
C ARG A 110 27.71 -6.41 0.75
N GLU A 111 28.02 -5.15 0.52
CA GLU A 111 29.35 -4.64 0.21
C GLU A 111 29.99 -5.22 -1.06
N SER A 112 29.21 -5.89 -1.92
CA SER A 112 29.68 -6.13 -3.28
C SER A 112 29.79 -4.79 -3.97
N GLN A 113 30.49 -4.74 -5.10
CA GLN A 113 30.61 -3.48 -5.84
C GLN A 113 29.24 -2.96 -6.25
N LYS A 114 28.37 -3.85 -6.69
CA LYS A 114 27.02 -3.42 -7.08
C LYS A 114 26.28 -2.82 -5.88
N TRP A 115 26.38 -3.50 -4.75
CA TRP A 115 25.72 -3.01 -3.51
C TRP A 115 26.21 -1.62 -3.17
N ASN A 116 27.52 -1.40 -3.18
CA ASN A 116 28.00 -0.04 -2.88
C ASN A 116 27.59 1.00 -3.93
N GLN A 117 27.53 0.62 -5.21
CA GLN A 117 27.04 1.55 -6.21
C GLN A 117 25.57 1.95 -5.95
N VAL A 118 24.77 0.97 -5.59
CA VAL A 118 23.32 1.21 -5.33
C VAL A 118 23.16 2.05 -4.09
N VAL A 119 23.86 1.68 -3.01
CA VAL A 119 23.76 2.47 -1.78
C VAL A 119 24.29 3.90 -2.01
N ASP A 120 25.33 4.06 -2.83
CA ASP A 120 25.74 5.41 -3.21
C ASP A 120 24.63 6.23 -3.82
N GLN A 121 23.79 5.61 -4.66
CA GLN A 121 22.61 6.30 -5.19
C GLN A 121 21.61 6.63 -4.09
N PHE A 122 21.42 5.73 -3.12
CA PHE A 122 20.58 6.11 -1.98
C PHE A 122 21.15 7.31 -1.26
N GLN A 123 22.46 7.32 -1.06
CA GLN A 123 23.07 8.38 -0.25
C GLN A 123 22.92 9.72 -0.98
N GLU A 124 23.05 9.68 -2.30
CA GLU A 124 22.83 10.86 -3.13
C GLU A 124 21.40 11.37 -3.03
N ARG A 125 20.42 10.48 -3.01
CA ARG A 125 19.03 10.93 -2.84
C ARG A 125 18.66 11.39 -1.45
N PHE A 126 19.15 10.67 -0.43
CA PHE A 126 18.59 10.76 0.92
C PHE A 126 19.55 11.26 2.00
N GLY A 127 20.83 11.34 1.72
CA GLY A 127 21.74 12.03 2.62
C GLY A 127 22.28 11.24 3.79
N GLN A 128 22.54 11.94 4.90
CA GLN A 128 23.31 11.41 6.01
C GLN A 128 22.76 10.15 6.63
N ILE A 129 21.45 9.95 6.65
CA ILE A 129 20.94 8.75 7.29
C ILE A 129 21.53 7.53 6.58
N ILE A 130 21.80 7.64 5.29
CA ILE A 130 22.30 6.48 4.54
C ILE A 130 23.74 6.17 4.99
N GLU A 131 24.48 7.22 5.30
CA GLU A 131 25.83 7.01 5.85
C GLU A 131 25.81 6.17 7.13
N VAL A 132 24.88 6.52 8.00
CA VAL A 132 24.69 5.80 9.25
C VAL A 132 24.27 4.35 9.01
N LEU A 133 23.26 4.16 8.18
CA LEU A 133 22.72 2.84 7.98
C LEU A 133 23.70 1.92 7.28
N ARG A 134 24.41 2.41 6.28
CA ARG A 134 25.29 1.54 5.51
C ARG A 134 26.48 1.10 6.37
N GLY A 135 26.84 1.95 7.31
CA GLY A 135 27.96 1.65 8.23
C GLY A 135 27.61 0.73 9.37
N LEU A 136 26.44 0.94 9.95
CA LEU A 136 26.11 0.36 11.25
C LEU A 136 25.02 -0.68 11.24
N ALA A 137 24.17 -0.65 10.22
CA ALA A 137 22.99 -1.51 10.24
C ALA A 137 23.05 -2.54 9.13
N ASP A 138 22.46 -3.69 9.35
CA ASP A 138 22.44 -4.69 8.31
C ASP A 138 21.20 -4.48 7.41
N PHE A 139 21.04 -3.30 6.84
CA PHE A 139 19.93 -3.01 5.93
C PHE A 139 20.19 -3.78 4.69
N ARG A 140 19.13 -4.28 4.07
CA ARG A 140 19.20 -5.09 2.86
C ARG A 140 18.93 -4.20 1.65
N ILE A 141 19.63 -4.48 0.55
CA ILE A 141 19.28 -3.96 -0.76
C ILE A 141 18.60 -5.10 -1.49
N PHE A 142 17.35 -4.88 -1.93
CA PHE A 142 16.68 -5.81 -2.81
C PHE A 142 16.47 -5.16 -4.15
N GLN A 143 16.84 -5.85 -5.24
CA GLN A 143 16.43 -5.51 -6.58
C GLN A 143 15.03 -6.09 -6.80
N LEU A 144 14.15 -5.25 -7.31
CA LEU A 144 12.74 -5.64 -7.59
C LEU A 144 12.61 -5.63 -9.09
N THR A 145 12.52 -6.82 -9.67
CA THR A 145 12.44 -6.95 -11.12
C THR A 145 11.01 -7.05 -11.57
N PRO A 146 10.50 -6.14 -12.39
CA PRO A 146 9.10 -6.14 -12.77
C PRO A 146 8.75 -7.03 -13.95
N LYS A 147 7.59 -7.71 -13.90
CA LYS A 147 7.16 -8.65 -14.97
C LYS A 147 6.00 -8.09 -15.76
N GLU A 148 5.21 -7.26 -15.10
CA GLU A 148 4.00 -6.68 -15.66
C GLU A 148 3.74 -5.40 -14.87
N GLY A 149 3.33 -4.35 -15.58
CA GLY A 149 2.96 -3.07 -14.99
C GLY A 149 1.59 -2.65 -15.47
N ARG A 150 1.02 -1.67 -14.75
CA ARG A 150 -0.25 -1.09 -15.11
C ARG A 150 -0.29 0.34 -14.61
N PHE A 151 -0.60 1.27 -15.50
CA PHE A 151 -0.65 2.70 -15.20
C PHE A 151 -2.10 3.15 -15.36
N VAL A 152 -2.67 3.73 -14.30
CA VAL A 152 -4.03 4.27 -14.30
C VAL A 152 -3.98 5.77 -14.11
N ILE A 153 -4.49 6.54 -15.07
CA ILE A 153 -4.75 7.96 -14.95
C ILE A 153 -6.29 8.01 -15.01
N GLY A 154 -6.94 8.77 -14.17
CA GLY A 154 -8.38 8.88 -14.27
C GLY A 154 -8.97 7.69 -13.57
N PHE A 155 -10.12 7.23 -14.07
CA PHE A 155 -10.91 6.19 -13.43
C PHE A 155 -10.51 4.86 -13.98
N GLY A 156 -10.10 3.96 -13.10
CA GLY A 156 -9.74 2.61 -13.51
C GLY A 156 -9.81 1.71 -12.33
N ALA A 157 -10.21 0.48 -12.52
CA ALA A 157 -10.47 -0.40 -11.36
C ALA A 157 -9.16 -1.00 -10.86
N TYR B 23 -5.03 6.58 16.88
CA TYR B 23 -5.42 5.99 15.55
C TYR B 23 -6.49 6.84 14.92
N ALA B 24 -7.54 7.14 15.68
CA ALA B 24 -8.72 7.76 15.10
C ALA B 24 -8.42 9.17 14.56
N GLY B 25 -7.60 9.92 15.27
CA GLY B 25 -7.21 11.25 14.80
C GLY B 25 -6.40 11.16 13.50
N PHE B 26 -5.46 10.21 13.46
CA PHE B 26 -4.62 10.03 12.28
C PHE B 26 -5.51 9.55 11.11
N ILE B 27 -6.35 8.54 11.34
CA ILE B 27 -7.18 7.99 10.28
C ILE B 27 -8.11 9.02 9.68
N GLN B 28 -8.56 9.95 10.52
CA GLN B 28 -9.45 11.00 10.08
C GLN B 28 -8.82 11.89 8.98
N GLU B 29 -7.50 11.88 8.87
CA GLU B 29 -6.78 12.66 7.87
C GLU B 29 -6.84 12.08 6.45
N PHE B 30 -7.33 10.85 6.31
CA PHE B 30 -7.28 10.12 5.06
C PHE B 30 -8.65 9.94 4.41
N GLN B 31 -8.67 10.03 3.08
CA GLN B 31 -9.79 9.72 2.21
CA GLN B 31 -9.87 9.69 2.33
C GLN B 31 -9.84 8.22 1.87
N SER B 32 -8.67 7.62 1.80
CA SER B 32 -8.54 6.27 1.37
C SER B 32 -7.47 5.50 2.15
N ALA B 33 -7.49 4.18 1.98
CA ALA B 33 -6.52 3.26 2.59
C ALA B 33 -5.77 2.54 1.48
N ILE B 34 -4.50 2.26 1.71
CA ILE B 34 -3.76 1.38 0.87
C ILE B 34 -4.12 -0.04 1.32
N ILE B 35 -4.52 -0.88 0.39
CA ILE B 35 -4.91 -2.23 0.71
C ILE B 35 -4.01 -3.22 0.01
N SER B 36 -3.49 -4.17 0.79
CA SER B 36 -2.61 -5.23 0.25
C SER B 36 -3.37 -6.54 0.42
N THR B 37 -3.41 -7.29 -0.69
CA THR B 37 -4.20 -8.52 -0.83
C THR B 37 -3.33 -9.59 -1.54
N ILE B 38 -3.88 -10.79 -1.68
CA ILE B 38 -3.16 -11.89 -2.29
C ILE B 38 -4.12 -12.66 -3.20
N SER B 39 -3.68 -12.99 -4.41
CA SER B 39 -4.53 -13.65 -5.34
C SER B 39 -4.58 -15.14 -5.03
N GLU B 40 -5.52 -15.81 -5.72
CA GLU B 40 -5.65 -17.26 -5.59
C GLU B 40 -4.35 -18.00 -5.93
N GLN B 41 -3.56 -17.42 -6.83
CA GLN B 41 -2.29 -17.98 -7.27
C GLN B 41 -1.11 -17.49 -6.44
N GLY B 42 -1.37 -16.76 -5.37
CA GLY B 42 -0.30 -16.34 -4.47
C GLY B 42 0.40 -15.04 -4.82
N ILE B 43 -0.15 -14.25 -5.73
CA ILE B 43 0.52 -13.04 -6.18
C ILE B 43 0.03 -11.84 -5.34
N PRO B 44 0.92 -11.13 -4.68
CA PRO B 44 0.50 -9.98 -3.86
C PRO B 44 0.07 -8.83 -4.71
N ASN B 45 -0.79 -7.99 -4.16
CA ASN B 45 -1.19 -6.79 -4.83
C ASN B 45 -1.27 -5.66 -3.81
N GLY B 46 -0.88 -4.45 -4.22
CA GLY B 46 -1.19 -3.22 -3.50
C GLY B 46 -2.01 -2.31 -4.36
N SER B 47 -3.03 -1.75 -3.75
CA SER B 47 -3.90 -0.82 -4.39
C SER B 47 -4.45 0.10 -3.31
N TYR B 48 -5.54 0.78 -3.61
CA TYR B 48 -6.11 1.65 -2.62
C TYR B 48 -7.63 1.59 -2.75
N ALA B 49 -8.32 1.99 -1.70
CA ALA B 49 -9.78 2.08 -1.74
C ALA B 49 -10.25 3.19 -0.80
N PRO B 50 -11.22 4.00 -1.23
CA PRO B 50 -11.87 4.92 -0.31
C PRO B 50 -12.53 4.14 0.84
N PHE B 51 -12.60 4.71 2.04
CA PHE B 51 -13.10 4.00 3.17
C PHE B 51 -13.99 4.90 4.01
N VAL B 52 -14.76 4.25 4.87
CA VAL B 52 -15.43 4.89 5.98
C VAL B 52 -15.24 4.03 7.24
N ILE B 53 -15.51 4.64 8.38
CA ILE B 53 -15.49 4.02 9.69
CA ILE B 53 -15.39 3.89 9.64
C ILE B 53 -16.80 4.51 10.31
C ILE B 53 -16.70 3.79 10.37
N ASP B 54 -17.62 3.57 10.80
N ASP B 54 -16.95 2.67 11.05
CA ASP B 54 -18.93 3.92 11.33
CA ASP B 54 -18.12 2.61 11.94
C ASP B 54 -18.91 4.28 12.82
C ASP B 54 -17.68 2.89 13.36
N ASP B 55 -20.08 4.51 13.41
N ASP B 55 -18.64 2.80 14.30
CA ASP B 55 -20.14 4.96 14.79
CA ASP B 55 -18.35 3.07 15.73
C ASP B 55 -19.53 3.91 15.73
C ASP B 55 -17.66 1.92 16.45
N ALA B 56 -19.84 2.64 15.47
N ALA B 56 -17.60 0.75 15.81
CA ALA B 56 -19.27 1.55 16.26
CA ALA B 56 -16.95 -0.41 16.42
C ALA B 56 -17.78 1.32 15.93
C ALA B 56 -15.56 -0.71 15.86
N LYS B 57 -17.20 2.26 15.17
N LYS B 57 -14.99 0.26 15.16
CA LYS B 57 -15.77 2.25 14.80
CA LYS B 57 -13.58 0.21 14.76
C LYS B 57 -15.33 1.09 13.88
C LYS B 57 -13.36 -0.57 13.47
N ASN B 58 -16.25 0.56 13.08
N ASN B 58 -14.44 -0.97 12.83
CA ASN B 58 -15.90 -0.47 12.10
CA ASN B 58 -14.34 -1.67 11.55
C ASN B 58 -15.43 0.18 10.81
C ASN B 58 -14.10 -0.67 10.41
N ILE B 59 -14.54 -0.53 10.09
N ILE B 59 -13.38 -1.09 9.40
CA ILE B 59 -13.94 -0.06 8.84
CA ILE B 59 -13.07 -0.26 8.25
C ILE B 59 -14.54 -0.74 7.60
C ILE B 59 -13.81 -0.80 7.04
N TYR B 60 -14.81 0.06 6.55
N TYR B 60 -14.65 0.02 6.42
CA TYR B 60 -15.40 -0.44 5.27
C TYR B 60 -14.76 0.15 4.03
N ILE B 61 -14.58 -0.70 3.04
CA ILE B 61 -14.15 -0.27 1.70
C ILE B 61 -15.24 -0.53 0.68
N TYR B 62 -15.21 0.31 -0.37
CA TYR B 62 -16.24 0.26 -1.43
C TYR B 62 -15.46 0.08 -2.71
N VAL B 63 -15.60 -1.10 -3.32
CA VAL B 63 -14.68 -1.46 -4.38
C VAL B 63 -15.33 -2.09 -5.60
N SER B 64 -14.70 -1.91 -6.75
CA SER B 64 -15.24 -2.41 -8.00
C SER B 64 -15.13 -3.92 -8.18
N GLY B 65 -16.16 -4.55 -8.76
CA GLY B 65 -16.06 -5.96 -9.03
C GLY B 65 -14.99 -6.33 -10.04
N LEU B 66 -14.51 -5.33 -10.80
CA LEU B 66 -13.47 -5.51 -11.81
C LEU B 66 -12.05 -5.50 -11.24
N ALA B 67 -11.88 -5.03 -10.04
CA ALA B 67 -10.54 -4.73 -9.49
C ALA B 67 -9.83 -6.01 -9.10
N VAL B 68 -8.51 -6.04 -9.33
CA VAL B 68 -7.68 -7.13 -8.85
C VAL B 68 -7.85 -7.28 -7.34
N HIS B 69 -7.81 -6.15 -6.62
CA HIS B 69 -7.96 -6.26 -5.17
C HIS B 69 -9.24 -6.97 -4.75
N THR B 70 -10.33 -6.69 -5.47
CA THR B 70 -11.61 -7.30 -5.16
C THR B 70 -11.57 -8.77 -5.43
N LYS B 71 -11.07 -9.17 -6.59
CA LYS B 71 -10.98 -10.59 -6.93
C LYS B 71 -10.10 -11.32 -5.91
N ASN B 72 -9.04 -10.66 -5.44
CA ASN B 72 -8.16 -11.26 -4.45
C ASN B 72 -8.90 -11.45 -3.13
N ILE B 73 -9.61 -10.44 -2.67
CA ILE B 73 -10.40 -10.54 -1.43
C ILE B 73 -11.42 -11.61 -1.52
N GLU B 74 -12.07 -11.77 -2.67
CA GLU B 74 -13.05 -12.84 -2.88
C GLU B 74 -12.43 -14.25 -2.75
N ALA B 75 -11.16 -14.38 -3.12
CA ALA B 75 -10.42 -15.63 -3.01
C ALA B 75 -9.76 -15.85 -1.64
N ASN B 76 -9.35 -14.75 -1.04
CA ASN B 76 -8.54 -14.78 0.15
CA ASN B 76 -8.51 -14.77 0.20
C ASN B 76 -8.90 -13.57 1.01
N PRO B 77 -9.67 -13.78 2.06
CA PRO B 77 -10.26 -12.65 2.79
C PRO B 77 -9.33 -11.94 3.76
N LEU B 78 -8.03 -11.98 3.51
CA LEU B 78 -7.05 -11.29 4.36
C LEU B 78 -6.66 -9.99 3.65
N VAL B 79 -6.66 -8.89 4.37
CA VAL B 79 -6.28 -7.63 3.82
C VAL B 79 -5.45 -6.86 4.83
N ASN B 80 -4.31 -6.32 4.38
CA ASN B 80 -3.61 -5.35 5.19
C ASN B 80 -4.10 -3.99 4.76
N VAL B 81 -4.36 -3.17 5.77
CA VAL B 81 -4.82 -1.80 5.58
C VAL B 81 -3.73 -0.83 6.05
N LEU B 82 -3.26 0.04 5.17
CA LEU B 82 -2.21 0.98 5.51
C LEU B 82 -2.65 2.42 5.28
N PHE B 83 -2.42 3.24 6.29
CA PHE B 83 -2.60 4.70 6.22
C PHE B 83 -1.19 5.26 6.38
N VAL B 84 -0.65 5.83 5.30
CA VAL B 84 0.70 6.35 5.34
C VAL B 84 0.68 7.80 4.86
N ASP B 85 1.30 8.69 5.62
CA ASP B 85 1.37 10.09 5.26
C ASP B 85 1.80 10.29 3.78
N ASP B 86 1.18 11.28 3.14
CA ASP B 86 1.66 11.74 1.85
C ASP B 86 3.17 12.04 1.90
N GLU B 87 3.85 11.80 0.79
CA GLU B 87 5.23 12.10 0.72
C GLU B 87 5.45 13.62 0.87
N ALA B 88 4.52 14.44 0.37
CA ALA B 88 4.63 15.88 0.48
C ALA B 88 4.69 16.41 1.92
N LYS B 89 4.17 15.60 2.84
CA LYS B 89 4.12 16.00 4.27
C LYS B 89 5.32 15.44 5.03
N THR B 90 6.19 14.70 4.36
CA THR B 90 7.20 13.91 5.06
C THR B 90 8.54 14.56 4.91
N ASN B 91 9.14 15.00 6.03
CA ASN B 91 10.44 15.64 5.99
C ASN B 91 11.62 14.66 5.77
N GLN B 92 11.48 13.49 6.37
CA GLN B 92 12.52 12.45 6.34
C GLN B 92 11.88 11.15 5.87
N ILE B 93 12.27 10.69 4.68
CA ILE B 93 11.53 9.59 4.04
C ILE B 93 11.65 8.30 4.82
N PHE B 94 12.68 8.11 5.66
CA PHE B 94 12.75 6.94 6.52
C PHE B 94 11.87 7.02 7.78
N ALA B 95 11.12 8.13 7.90
CA ALA B 95 10.20 8.33 9.03
C ALA B 95 8.85 8.82 8.50
N ARG B 96 8.18 8.08 7.60
CA ARG B 96 6.86 8.44 7.11
C ARG B 96 5.83 7.98 8.12
N ARG B 97 5.09 8.87 8.73
CA ARG B 97 4.11 8.48 9.78
C ARG B 97 3.14 7.53 9.13
N ARG B 98 2.82 6.45 9.84
CA ARG B 98 1.92 5.50 9.28
C ARG B 98 1.28 4.60 10.30
N LEU B 99 0.19 4.02 9.87
CA LEU B 99 -0.61 3.12 10.73
C LEU B 99 -1.08 1.97 9.84
N SER B 100 -0.94 0.73 10.32
CA SER B 100 -1.41 -0.39 9.54
CA SER B 100 -1.21 -0.46 9.53
C SER B 100 -2.02 -1.43 10.39
N PHE B 101 -2.99 -2.09 9.77
CA PHE B 101 -3.76 -3.13 10.41
C PHE B 101 -3.77 -4.40 9.55
N ASP B 102 -3.67 -5.54 10.21
CA ASP B 102 -3.93 -6.83 9.56
C ASP B 102 -5.39 -7.13 9.81
N CYS B 103 -6.17 -7.30 8.73
CA CYS B 103 -7.63 -7.42 8.82
C CYS B 103 -8.13 -8.71 8.14
N THR B 104 -9.35 -9.09 8.51
CA THR B 104 -10.13 -10.03 7.72
C THR B 104 -11.27 -9.35 7.07
N ALA B 105 -11.65 -9.80 5.88
CA ALA B 105 -12.74 -9.18 5.14
C ALA B 105 -13.98 -10.02 5.17
N THR B 106 -15.13 -9.34 5.31
CA THR B 106 -16.42 -9.97 5.07
C THR B 106 -17.25 -9.08 4.14
N LEU B 107 -18.01 -9.73 3.27
CA LEU B 107 -18.87 -9.08 2.33
C LEU B 107 -20.15 -8.69 3.05
N ILE B 108 -20.50 -7.40 2.95
CA ILE B 108 -21.82 -6.91 3.39
C ILE B 108 -22.81 -7.03 2.21
N GLU B 109 -23.91 -7.73 2.43
CA GLU B 109 -24.89 -8.01 1.40
C GLU B 109 -25.48 -6.74 0.80
N ARG B 110 -25.45 -6.68 -0.53
CA ARG B 110 -25.92 -5.49 -1.28
C ARG B 110 -27.38 -5.20 -0.95
N GLU B 111 -27.63 -3.91 -0.72
CA GLU B 111 -28.93 -3.36 -0.41
C GLU B 111 -29.55 -3.89 0.89
N SER B 112 -28.76 -4.57 1.73
CA SER B 112 -29.18 -4.81 3.12
C SER B 112 -29.25 -3.47 3.87
N GLN B 113 -29.91 -3.42 5.02
CA GLN B 113 -29.97 -2.14 5.74
C GLN B 113 -28.57 -1.61 6.03
N LYS B 114 -27.71 -2.50 6.53
CA LYS B 114 -26.35 -2.14 6.86
C LYS B 114 -25.63 -1.59 5.62
N TRP B 115 -25.80 -2.25 4.49
CA TRP B 115 -25.12 -1.85 3.26
C TRP B 115 -25.53 -0.41 2.90
N ASN B 116 -26.83 -0.16 2.92
CA ASN B 116 -27.31 1.18 2.64
C ASN B 116 -26.82 2.22 3.63
N GLN B 117 -26.74 1.89 4.92
CA GLN B 117 -26.16 2.82 5.90
C GLN B 117 -24.69 3.12 5.61
N VAL B 118 -23.92 2.09 5.28
CA VAL B 118 -22.53 2.29 4.99
C VAL B 118 -22.34 3.11 3.68
N VAL B 119 -23.09 2.79 2.64
CA VAL B 119 -22.94 3.49 1.39
C VAL B 119 -23.41 4.93 1.56
N ASP B 120 -24.43 5.18 2.38
CA ASP B 120 -24.76 6.57 2.73
C ASP B 120 -23.57 7.32 3.32
N GLN B 121 -22.81 6.69 4.22
CA GLN B 121 -21.61 7.32 4.76
C GLN B 121 -20.63 7.63 3.64
N PHE B 122 -20.46 6.70 2.70
CA PHE B 122 -19.62 6.97 1.55
C PHE B 122 -20.10 8.19 0.78
N GLN B 123 -21.41 8.29 0.58
CA GLN B 123 -21.94 9.38 -0.21
C GLN B 123 -21.72 10.69 0.54
N GLU B 124 -21.86 10.65 1.87
CA GLU B 124 -21.56 11.86 2.64
C GLU B 124 -20.11 12.29 2.50
N ARG B 125 -19.16 11.35 2.48
CA ARG B 125 -17.77 11.72 2.31
C ARG B 125 -17.40 12.17 0.92
N PHE B 126 -17.93 11.46 -0.10
CA PHE B 126 -17.37 11.51 -1.45
C PHE B 126 -18.32 12.05 -2.52
N GLY B 127 -19.58 12.25 -2.20
CA GLY B 127 -20.48 12.91 -3.10
C GLY B 127 -21.10 12.15 -4.24
N GLN B 128 -21.34 12.86 -5.33
CA GLN B 128 -22.17 12.36 -6.40
C GLN B 128 -21.64 11.10 -7.06
N ILE B 129 -20.35 10.90 -7.07
CA ILE B 129 -19.85 9.67 -7.69
C ILE B 129 -20.48 8.44 -7.00
N ILE B 130 -20.73 8.52 -5.70
CA ILE B 130 -21.35 7.38 -4.99
C ILE B 130 -22.79 7.18 -5.46
N GLU B 131 -23.53 8.25 -5.71
CA GLU B 131 -24.87 8.13 -6.25
C GLU B 131 -24.85 7.31 -7.54
N VAL B 132 -23.88 7.59 -8.41
CA VAL B 132 -23.76 6.90 -9.69
C VAL B 132 -23.41 5.44 -9.48
N LEU B 133 -22.39 5.20 -8.67
CA LEU B 133 -21.92 3.84 -8.43
C LEU B 133 -22.97 2.99 -7.72
N ARG B 134 -23.64 3.55 -6.71
CA ARG B 134 -24.58 2.74 -5.97
C ARG B 134 -25.77 2.37 -6.81
N GLY B 135 -26.15 3.22 -7.74
CA GLY B 135 -27.29 2.96 -8.61
C GLY B 135 -26.97 2.02 -9.77
N LEU B 136 -25.76 2.14 -10.32
CA LEU B 136 -25.47 1.49 -11.61
C LEU B 136 -24.39 0.44 -11.60
N ALA B 137 -23.55 0.38 -10.58
CA ALA B 137 -22.40 -0.47 -10.58
C ALA B 137 -22.51 -1.52 -9.50
N ASP B 138 -21.85 -2.65 -9.69
CA ASP B 138 -21.99 -3.72 -8.73
C ASP B 138 -20.79 -3.66 -7.80
N PHE B 139 -20.55 -2.51 -7.21
CA PHE B 139 -19.47 -2.36 -6.28
C PHE B 139 -19.80 -3.10 -5.01
N ARG B 140 -18.77 -3.62 -4.36
CA ARG B 140 -18.89 -4.38 -3.13
C ARG B 140 -18.54 -3.50 -1.95
N ILE B 141 -19.23 -3.74 -0.84
CA ILE B 141 -18.80 -3.25 0.46
C ILE B 141 -18.17 -4.42 1.20
N PHE B 142 -16.88 -4.27 1.53
CA PHE B 142 -16.26 -5.20 2.46
C PHE B 142 -16.01 -4.53 3.79
N GLN B 143 -16.41 -5.22 4.87
CA GLN B 143 -16.02 -4.84 6.20
C GLN B 143 -14.66 -5.47 6.48
N LEU B 144 -13.73 -4.66 6.94
CA LEU B 144 -12.40 -5.08 7.30
C LEU B 144 -12.24 -4.95 8.77
N THR B 145 -12.14 -6.08 9.45
CA THR B 145 -12.02 -6.12 10.88
C THR B 145 -10.59 -6.23 11.30
N PRO B 146 -10.04 -5.24 12.01
CA PRO B 146 -8.62 -5.31 12.38
C PRO B 146 -8.36 -6.30 13.46
N LYS B 147 -7.27 -7.04 13.33
CA LYS B 147 -6.85 -8.05 14.25
C LYS B 147 -5.54 -7.73 14.95
N GLU B 148 -4.72 -6.91 14.32
CA GLU B 148 -3.46 -6.44 14.89
C GLU B 148 -3.14 -5.13 14.18
N GLY B 149 -2.58 -4.18 14.90
CA GLY B 149 -2.26 -2.88 14.30
C GLY B 149 -0.96 -2.35 14.84
N ARG B 150 -0.39 -1.40 14.10
CA ARG B 150 0.87 -0.80 14.51
C ARG B 150 0.94 0.60 13.95
N PHE B 151 1.26 1.55 14.83
CA PHE B 151 1.39 2.96 14.49
C PHE B 151 2.84 3.32 14.65
N VAL B 152 3.43 3.91 13.59
CA VAL B 152 4.82 4.34 13.62
C VAL B 152 4.90 5.82 13.32
N ILE B 153 5.38 6.57 14.31
CA ILE B 153 5.76 7.98 14.17
C ILE B 153 7.27 7.97 14.45
N GLY B 154 8.03 8.70 13.67
CA GLY B 154 9.46 8.62 13.80
C GLY B 154 10.01 7.39 13.10
N PHE B 155 11.17 6.94 13.57
CA PHE B 155 11.89 5.81 12.95
C PHE B 155 11.42 4.50 13.55
N GLY B 156 10.90 3.63 12.71
CA GLY B 156 10.49 2.29 13.11
C GLY B 156 10.44 1.43 11.89
N ALA B 157 10.76 0.16 12.07
CA ALA B 157 10.89 -0.72 10.93
C ALA B 157 9.51 -1.08 10.39
#